data_8B5V
#
_entry.id   8B5V
#
_cell.length_a   40.398
_cell.length_b   83.427
_cell.length_c   152.131
_cell.angle_alpha   90.000
_cell.angle_beta   90.000
_cell.angle_gamma   90.000
#
_symmetry.space_group_name_H-M   'P 21 21 21'
#
loop_
_entity.id
_entity.type
_entity.pdbx_description
1 polymer Phosphomannomutase
2 non-polymer 'MAGNESIUM ION'
3 non-polymer 'PHOSPHATE ION'
4 water water
#
_entity_poly.entity_id   1
_entity_poly.type   'polypeptide(L)'
_entity_poly.pdbx_seq_one_letter_code
;MKKVLLLFDIDGTLTPPRLSQPDEVREVIRRAKSAGFTVGTVGGSDLAKQIEQLGEDVFQQFDYVFAENGLLAYKHGKEI
HRQNLLKELGNERIVKFVRRALRLLSELDIPVQRGTFIEYRNGMINVCPIGRNCTQSERDEFEVYDKEHHVREKLIKELQ
NSFPDYGLKYSIGGQISFDVFPVGWDKSYCLRFVENDFDEIHFFGDKTHAGGNDYEIYTDKRIIGHAVKSYKDTVDEVNK
LISSK
;
_entity_poly.pdbx_strand_id   A,B
#
loop_
_chem_comp.id
_chem_comp.type
_chem_comp.name
_chem_comp.formula
MG non-polymer 'MAGNESIUM ION' 'Mg 2'
PO4 non-polymer 'PHOSPHATE ION' 'O4 P -3'
#
# COMPACT_ATOMS: atom_id res chain seq x y z
N MET A 1 5.07 45.60 -5.15
CA MET A 1 4.11 44.71 -5.88
C MET A 1 4.90 43.64 -6.64
N LYS A 2 4.98 42.43 -6.09
CA LYS A 2 5.46 41.21 -6.80
C LYS A 2 4.73 39.99 -6.23
N LYS A 3 4.55 38.95 -7.05
CA LYS A 3 4.05 37.62 -6.61
C LYS A 3 5.28 36.75 -6.28
N VAL A 4 5.40 36.25 -5.04
CA VAL A 4 6.54 35.39 -4.63
C VAL A 4 6.02 34.01 -4.21
N LEU A 5 6.64 32.94 -4.71
CA LEU A 5 6.36 31.54 -4.29
C LEU A 5 7.51 31.01 -3.45
N LEU A 6 7.19 30.39 -2.33
CA LEU A 6 8.13 29.65 -1.45
C LEU A 6 7.80 28.16 -1.62
N LEU A 7 8.76 27.37 -2.11
CA LEU A 7 8.62 25.91 -2.27
C LEU A 7 9.49 25.17 -1.27
N PHE A 8 8.92 24.21 -0.58
CA PHE A 8 9.59 23.47 0.52
C PHE A 8 9.66 21.99 0.17
N ASP A 9 10.86 21.41 0.24
CA ASP A 9 11.03 19.96 0.49
C ASP A 9 10.35 19.65 1.84
N ILE A 10 10.04 18.41 2.17
CA ILE A 10 9.26 18.10 3.41
C ILE A 10 10.17 17.51 4.49
N ASP A 11 10.71 16.31 4.28
CA ASP A 11 11.54 15.66 5.31
C ASP A 11 12.81 16.47 5.54
N GLY A 12 13.11 16.83 6.80
CA GLY A 12 14.32 17.57 7.19
C GLY A 12 14.26 19.06 6.84
N THR A 13 13.15 19.52 6.26
CA THR A 13 12.98 20.94 5.85
C THR A 13 11.82 21.50 6.67
N LEU A 14 10.68 20.81 6.67
CA LEU A 14 9.44 21.17 7.43
C LEU A 14 9.33 20.30 8.69
N THR A 15 10.20 19.31 8.82
CA THR A 15 10.10 18.26 9.87
C THR A 15 11.49 17.94 10.40
N PRO A 16 11.58 17.40 11.65
CA PRO A 16 12.81 16.77 12.13
C PRO A 16 12.94 15.49 11.30
N PRO A 17 14.14 14.90 11.13
CA PRO A 17 14.30 13.76 10.23
C PRO A 17 13.32 12.62 10.57
N ARG A 18 12.53 12.18 9.59
CA ARG A 18 11.61 11.01 9.67
C ARG A 18 10.41 11.28 10.59
N LEU A 19 10.25 12.49 11.13
CA LEU A 19 9.09 12.82 12.02
C LEU A 19 8.17 13.86 11.36
N SER A 20 7.08 14.22 12.05
CA SER A 20 5.97 15.05 11.54
C SER A 20 6.25 16.53 11.78
N GLN A 21 5.48 17.38 11.10
CA GLN A 21 5.59 18.85 11.18
C GLN A 21 5.37 19.33 12.61
N PRO A 22 6.35 20.04 13.20
CA PRO A 22 6.15 20.70 14.49
C PRO A 22 5.24 21.94 14.39
N ASP A 23 4.45 22.20 15.46
CA ASP A 23 3.54 23.37 15.54
C ASP A 23 4.28 24.66 15.14
N GLU A 24 5.56 24.77 15.48
CA GLU A 24 6.35 25.98 15.14
C GLU A 24 6.39 26.18 13.63
N VAL A 25 6.64 25.10 12.88
CA VAL A 25 6.73 25.18 11.40
C VAL A 25 5.35 25.56 10.86
N ARG A 26 4.28 24.93 11.35
CA ARG A 26 2.87 25.27 11.01
C ARG A 26 2.71 26.79 11.14
N GLU A 27 3.23 27.38 12.22
CA GLU A 27 3.11 28.83 12.54
C GLU A 27 3.85 29.65 11.49
N VAL A 28 5.09 29.30 11.15
CA VAL A 28 5.94 30.11 10.23
C VAL A 28 5.33 30.09 8.83
N ILE A 29 4.70 28.99 8.41
CA ILE A 29 4.08 28.89 7.06
C ILE A 29 2.84 29.81 7.07
N ARG A 30 2.08 29.77 8.17
CA ARG A 30 0.91 30.67 8.32
C ARG A 30 1.41 32.12 8.22
N ARG A 31 2.52 32.43 8.90
CA ARG A 31 3.03 33.83 8.95
C ARG A 31 3.54 34.23 7.55
N ALA A 32 4.11 33.31 6.77
CA ALA A 32 4.57 33.60 5.40
C ALA A 32 3.36 33.91 4.50
N LYS A 33 2.28 33.14 4.61
CA LYS A 33 1.04 33.37 3.81
C LYS A 33 0.47 34.74 4.17
N SER A 34 0.46 35.07 5.46
CA SER A 34 -0.06 36.36 5.96
C SER A 34 0.78 37.50 5.39
N ALA A 35 2.09 37.30 5.22
CA ALA A 35 3.02 38.31 4.69
C ALA A 35 2.84 38.45 3.17
N GLY A 36 2.08 37.58 2.51
CA GLY A 36 1.76 37.73 1.07
C GLY A 36 2.48 36.68 0.21
N PHE A 37 3.20 35.75 0.82
CA PHE A 37 3.88 34.66 0.08
C PHE A 37 2.84 33.60 -0.31
N THR A 38 2.98 33.06 -1.52
CA THR A 38 2.30 31.79 -1.90
C THR A 38 3.25 30.67 -1.49
N VAL A 39 2.72 29.58 -0.95
CA VAL A 39 3.60 28.51 -0.42
C VAL A 39 3.21 27.18 -1.07
N GLY A 40 4.21 26.34 -1.27
CA GLY A 40 3.94 24.98 -1.76
C GLY A 40 4.95 23.97 -1.23
N THR A 41 4.57 22.70 -1.31
CA THR A 41 5.44 21.56 -0.97
C THR A 41 5.85 20.86 -2.23
N VAL A 42 7.02 20.26 -2.22
CA VAL A 42 7.43 19.36 -3.34
C VAL A 42 8.15 18.17 -2.69
N GLY A 43 7.42 17.08 -2.61
CA GLY A 43 7.89 15.79 -2.09
C GLY A 43 8.16 14.83 -3.21
N GLY A 44 9.11 13.92 -2.99
CA GLY A 44 9.42 12.81 -3.91
C GLY A 44 8.52 11.62 -3.66
N SER A 45 7.86 11.56 -2.53
CA SER A 45 7.07 10.36 -2.16
C SER A 45 5.61 10.59 -2.55
N ASP A 46 4.76 9.60 -2.27
CA ASP A 46 3.30 9.67 -2.54
C ASP A 46 2.65 10.72 -1.63
N LEU A 47 1.44 11.10 -1.99
CA LEU A 47 0.62 12.10 -1.27
C LEU A 47 0.34 11.62 0.16
N ALA A 48 0.01 10.33 0.33
CA ALA A 48 -0.31 9.77 1.67
C ALA A 48 0.86 10.00 2.63
N LYS A 49 2.09 9.92 2.16
CA LYS A 49 3.28 10.20 3.00
C LYS A 49 3.27 11.68 3.42
N GLN A 50 2.92 12.59 2.52
CA GLN A 50 2.87 14.04 2.84
C GLN A 50 1.84 14.29 3.92
N ILE A 51 0.68 13.65 3.83
CA ILE A 51 -0.43 13.76 4.84
C ILE A 51 0.07 13.24 6.20
N GLU A 52 0.83 12.15 6.24
CA GLU A 52 1.42 11.63 7.50
C GLU A 52 2.37 12.70 8.07
N GLN A 53 3.25 13.25 7.24
CA GLN A 53 4.30 14.23 7.66
C GLN A 53 3.69 15.59 8.06
N LEU A 54 2.67 16.06 7.34
CA LEU A 54 2.20 17.47 7.47
C LEU A 54 0.82 17.56 8.12
N GLY A 55 -0.04 16.56 7.93
CA GLY A 55 -1.36 16.45 8.56
C GLY A 55 -2.47 16.39 7.52
N GLU A 56 -3.68 16.04 7.94
CA GLU A 56 -4.84 15.78 7.02
C GLU A 56 -5.26 17.08 6.31
N ASP A 57 -4.85 18.24 6.80
CA ASP A 57 -5.25 19.56 6.26
C ASP A 57 -4.13 20.14 5.37
N VAL A 58 -3.24 19.30 4.83
CA VAL A 58 -2.08 19.80 4.04
C VAL A 58 -2.59 20.69 2.89
N PHE A 59 -3.72 20.37 2.26
CA PHE A 59 -4.23 21.12 1.08
C PHE A 59 -4.71 22.52 1.50
N GLN A 60 -5.05 22.73 2.76
CA GLN A 60 -5.36 24.08 3.30
C GLN A 60 -4.07 24.77 3.77
N GLN A 61 -3.10 24.04 4.32
CA GLN A 61 -1.81 24.64 4.76
C GLN A 61 -1.08 25.28 3.57
N PHE A 62 -1.05 24.60 2.41
CA PHE A 62 -0.21 25.01 1.26
C PHE A 62 -1.09 25.31 0.06
N ASP A 63 -0.76 26.36 -0.68
CA ASP A 63 -1.43 26.71 -1.95
C ASP A 63 -1.19 25.58 -2.99
N TYR A 64 0.05 25.17 -3.15
CA TYR A 64 0.40 24.05 -4.07
C TYR A 64 0.90 22.86 -3.26
N VAL A 65 0.44 21.68 -3.62
CA VAL A 65 1.00 20.42 -3.08
C VAL A 65 1.46 19.60 -4.28
N PHE A 66 2.78 19.40 -4.39
CA PHE A 66 3.45 18.61 -5.45
C PHE A 66 3.95 17.31 -4.82
N ALA A 67 3.32 16.18 -5.16
CA ALA A 67 3.78 14.85 -4.73
C ALA A 67 4.46 14.18 -5.92
N GLU A 68 5.23 13.14 -5.66
CA GLU A 68 6.02 12.48 -6.74
C GLU A 68 6.64 13.54 -7.61
N ASN A 69 7.32 14.51 -6.99
CA ASN A 69 8.17 15.50 -7.71
C ASN A 69 7.33 16.48 -8.51
N GLY A 70 6.02 16.50 -8.31
CA GLY A 70 5.14 17.30 -9.18
C GLY A 70 4.51 16.48 -10.29
N LEU A 71 4.73 15.15 -10.35
CA LEU A 71 4.02 14.30 -11.33
C LEU A 71 2.58 14.09 -10.88
N LEU A 72 2.29 14.36 -9.61
CA LEU A 72 0.91 14.50 -9.10
C LEU A 72 0.83 15.87 -8.44
N ALA A 73 0.03 16.77 -8.99
CA ALA A 73 0.08 18.19 -8.55
C ALA A 73 -1.31 18.62 -8.10
N TYR A 74 -1.36 19.37 -7.01
CA TYR A 74 -2.63 19.97 -6.51
C TYR A 74 -2.45 21.47 -6.30
N LYS A 75 -3.50 22.21 -6.58
CA LYS A 75 -3.56 23.66 -6.27
C LYS A 75 -4.90 23.88 -5.57
N HIS A 76 -4.86 24.43 -4.35
CA HIS A 76 -6.04 24.63 -3.45
C HIS A 76 -6.84 23.33 -3.37
N GLY A 77 -6.16 22.21 -3.08
CA GLY A 77 -6.78 20.88 -2.92
C GLY A 77 -7.46 20.36 -4.18
N LYS A 78 -7.21 20.94 -5.36
CA LYS A 78 -7.74 20.42 -6.65
C LYS A 78 -6.58 19.84 -7.45
N GLU A 79 -6.74 18.61 -7.93
CA GLU A 79 -5.74 17.97 -8.82
C GLU A 79 -5.65 18.77 -10.12
N ILE A 80 -4.46 19.25 -10.45
CA ILE A 80 -4.19 19.97 -11.72
C ILE A 80 -3.30 19.11 -12.63
N HIS A 81 -2.73 18.02 -12.14
CA HIS A 81 -1.80 17.23 -13.02
C HIS A 81 -1.61 15.86 -12.44
N ARG A 82 -1.70 14.84 -13.31
CA ARG A 82 -1.31 13.47 -12.92
C ARG A 82 -0.57 12.84 -14.10
N GLN A 83 0.72 12.66 -13.95
CA GLN A 83 1.52 12.10 -15.04
C GLN A 83 1.33 10.59 -15.04
N ASN A 84 1.76 9.97 -16.13
CA ASN A 84 1.61 8.51 -16.33
C ASN A 84 2.94 8.03 -16.88
N LEU A 85 3.58 7.12 -16.16
CA LEU A 85 4.86 6.53 -16.59
C LEU A 85 4.68 5.69 -17.84
N LEU A 86 3.57 4.96 -17.95
CA LEU A 86 3.34 4.03 -19.09
C LEU A 86 3.42 4.85 -20.38
N LYS A 87 2.92 6.06 -20.43
CA LYS A 87 2.95 6.76 -21.74
C LYS A 87 4.39 7.13 -22.09
N GLU A 88 5.25 7.32 -21.10
CA GLU A 88 6.65 7.68 -21.38
C GLU A 88 7.48 6.47 -21.76
N LEU A 89 7.34 5.33 -21.08
CA LEU A 89 8.26 4.18 -21.27
C LEU A 89 7.64 3.11 -22.18
N GLY A 90 6.31 2.99 -22.18
CA GLY A 90 5.58 1.87 -22.78
C GLY A 90 5.67 0.58 -21.97
N ASN A 91 4.77 -0.32 -22.25
CA ASN A 91 4.64 -1.56 -21.45
C ASN A 91 5.88 -2.44 -21.54
N GLU A 92 6.45 -2.62 -22.71
CA GLU A 92 7.61 -3.54 -22.87
C GLU A 92 8.73 -3.12 -21.91
N ARG A 93 9.11 -1.86 -21.89
CA ARG A 93 10.22 -1.43 -21.03
C ARG A 93 9.83 -1.55 -19.57
N ILE A 94 8.60 -1.22 -19.20
CA ILE A 94 8.22 -1.35 -17.76
C ILE A 94 8.35 -2.82 -17.35
N VAL A 95 7.81 -3.72 -18.14
CA VAL A 95 7.84 -5.17 -17.78
C VAL A 95 9.30 -5.66 -17.71
N LYS A 96 10.18 -5.29 -18.65
CA LYS A 96 11.59 -5.77 -18.63
C LYS A 96 12.25 -5.18 -17.39
N PHE A 97 11.93 -3.94 -17.08
CA PHE A 97 12.55 -3.23 -15.94
C PHE A 97 12.18 -3.97 -14.67
N VAL A 98 10.88 -4.14 -14.46
CA VAL A 98 10.44 -4.69 -13.15
C VAL A 98 10.87 -6.16 -13.05
N ARG A 99 10.89 -6.94 -14.10
CA ARG A 99 11.44 -8.32 -14.06
C ARG A 99 12.92 -8.35 -13.71
N ARG A 100 13.70 -7.39 -14.18
CA ARG A 100 15.13 -7.35 -13.87
C ARG A 100 15.26 -6.92 -12.42
N ALA A 101 14.46 -5.97 -11.96
CA ALA A 101 14.50 -5.52 -10.54
C ALA A 101 14.16 -6.71 -9.67
N LEU A 102 13.10 -7.43 -10.00
CA LEU A 102 12.70 -8.59 -9.17
C LEU A 102 13.85 -9.60 -9.09
N ARG A 103 14.54 -9.87 -10.18
CA ARG A 103 15.66 -10.83 -10.23
C ARG A 103 16.74 -10.32 -9.27
N LEU A 104 17.09 -9.08 -9.39
CA LEU A 104 18.16 -8.50 -8.54
C LEU A 104 17.78 -8.52 -7.07
N LEU A 105 16.55 -8.17 -6.74
CA LEU A 105 16.08 -8.25 -5.35
C LEU A 105 16.16 -9.70 -4.87
N SER A 106 15.92 -10.68 -5.73
CA SER A 106 15.94 -12.12 -5.31
C SER A 106 17.34 -12.61 -4.99
N GLU A 107 18.39 -11.88 -5.43
CA GLU A 107 19.80 -12.33 -5.36
C GLU A 107 20.45 -11.61 -4.18
N LEU A 108 19.70 -10.79 -3.45
CA LEU A 108 20.29 -10.09 -2.29
C LEU A 108 20.57 -11.09 -1.17
N ASP A 109 21.48 -10.65 -0.30
CA ASP A 109 21.95 -11.44 0.85
C ASP A 109 21.74 -10.59 2.11
N ILE A 110 20.80 -9.65 2.10
CA ILE A 110 20.56 -8.72 3.23
C ILE A 110 19.77 -9.45 4.30
N PRO A 111 19.86 -9.01 5.56
CA PRO A 111 19.36 -9.84 6.63
C PRO A 111 17.85 -9.89 6.77
N VAL A 112 17.16 -8.84 6.32
CA VAL A 112 15.70 -8.73 6.49
C VAL A 112 15.09 -8.31 5.16
N GLN A 113 14.10 -9.06 4.70
CA GLN A 113 13.20 -8.66 3.59
C GLN A 113 11.78 -9.07 3.93
N ARG A 114 10.84 -8.26 3.51
CA ARG A 114 9.42 -8.45 3.89
C ARG A 114 8.51 -8.39 2.69
N GLY A 115 8.12 -7.20 2.25
CA GLY A 115 7.17 -7.07 1.13
C GLY A 115 7.01 -5.66 0.67
N THR A 116 6.40 -5.46 -0.51
CA THR A 116 6.27 -4.19 -1.30
C THR A 116 7.68 -3.70 -1.59
N PHE A 117 8.33 -4.46 -2.43
CA PHE A 117 9.68 -4.16 -2.95
C PHE A 117 9.62 -3.11 -4.06
N ILE A 118 8.65 -3.21 -4.92
CA ILE A 118 8.54 -2.45 -6.19
C ILE A 118 7.19 -1.79 -6.14
N GLU A 119 7.15 -0.47 -6.03
CA GLU A 119 5.89 0.28 -6.01
C GLU A 119 5.78 1.06 -7.30
N TYR A 120 4.78 0.72 -8.09
CA TYR A 120 4.49 1.42 -9.37
C TYR A 120 3.56 2.60 -9.03
N ARG A 121 4.08 3.82 -9.08
CA ARG A 121 3.31 5.02 -8.71
C ARG A 121 2.75 5.71 -9.96
N ASN A 122 2.46 7.02 -9.89
CA ASN A 122 1.90 7.71 -11.08
C ASN A 122 2.98 7.84 -12.16
N GLY A 123 4.09 8.44 -11.84
CA GLY A 123 5.13 8.72 -12.84
C GLY A 123 6.48 8.21 -12.44
N MET A 124 6.55 7.31 -11.46
CA MET A 124 7.87 6.76 -11.06
C MET A 124 7.69 5.35 -10.51
N ILE A 125 8.78 4.65 -10.43
CA ILE A 125 8.84 3.32 -9.76
C ILE A 125 9.71 3.47 -8.52
N ASN A 126 9.23 2.95 -7.39
CA ASN A 126 9.99 3.05 -6.12
C ASN A 126 10.50 1.65 -5.85
N VAL A 127 11.77 1.49 -5.58
CA VAL A 127 12.42 0.18 -5.32
C VAL A 127 12.94 0.21 -3.88
N CYS A 128 12.47 -0.75 -3.09
CA CYS A 128 12.79 -0.78 -1.65
C CYS A 128 13.34 -2.18 -1.35
N PRO A 129 14.65 -2.36 -1.14
CA PRO A 129 15.24 -3.70 -1.01
C PRO A 129 14.69 -4.54 0.15
N ILE A 130 14.42 -3.90 1.30
CA ILE A 130 13.85 -4.60 2.47
C ILE A 130 12.35 -4.79 2.26
N GLY A 131 11.68 -3.97 1.46
CA GLY A 131 10.24 -3.93 1.31
C GLY A 131 9.61 -2.93 2.27
N ARG A 132 8.71 -2.10 1.76
CA ARG A 132 8.00 -1.00 2.43
C ARG A 132 7.14 -1.57 3.57
N ASN A 133 6.84 -2.90 3.58
CA ASN A 133 5.97 -3.49 4.61
C ASN A 133 6.74 -3.88 5.87
N CYS A 134 7.94 -3.39 6.08
CA CYS A 134 8.72 -3.68 7.31
C CYS A 134 8.32 -2.75 8.47
N THR A 135 8.70 -3.13 9.70
CA THR A 135 8.44 -2.30 10.90
C THR A 135 9.34 -1.07 10.94
N GLN A 136 8.99 -0.12 11.79
CA GLN A 136 9.85 1.08 12.02
C GLN A 136 11.28 0.66 12.38
N SER A 137 11.42 -0.24 13.36
CA SER A 137 12.72 -0.77 13.80
C SER A 137 13.46 -1.33 12.59
N GLU A 138 12.79 -2.13 11.76
CA GLU A 138 13.45 -2.80 10.60
C GLU A 138 13.88 -1.74 9.55
N ARG A 139 13.10 -0.70 9.41
CA ARG A 139 13.41 0.42 8.50
C ARG A 139 14.65 1.15 9.00
N ASP A 140 14.70 1.45 10.28
CA ASP A 140 15.84 2.21 10.84
C ASP A 140 17.10 1.35 10.79
N GLU A 141 16.95 0.05 11.04
CA GLU A 141 18.06 -0.91 10.90
C GLU A 141 18.59 -0.94 9.46
N PHE A 142 17.70 -1.01 8.49
CA PHE A 142 18.14 -1.09 7.08
C PHE A 142 18.85 0.23 6.68
N GLU A 143 18.39 1.39 7.14
CA GLU A 143 19.07 2.68 6.82
C GLU A 143 20.54 2.51 7.19
N VAL A 144 20.81 2.04 8.40
CA VAL A 144 22.22 1.89 8.83
C VAL A 144 22.95 0.85 7.99
N TYR A 145 22.31 -0.27 7.73
CA TYR A 145 22.90 -1.37 6.95
C TYR A 145 23.30 -0.84 5.56
N ASP A 146 22.42 -0.07 4.95
CA ASP A 146 22.64 0.42 3.55
C ASP A 146 23.76 1.45 3.53
N LYS A 147 23.97 2.16 4.65
CA LYS A 147 25.09 3.13 4.70
C LYS A 147 26.41 2.37 4.65
N GLU A 148 26.44 1.19 5.23
CA GLU A 148 27.67 0.36 5.26
C GLU A 148 27.80 -0.48 3.98
N HIS A 149 26.71 -1.03 3.42
CA HIS A 149 26.79 -2.12 2.41
C HIS A 149 26.33 -1.62 1.05
N HIS A 150 25.79 -0.41 0.98
CA HIS A 150 25.47 0.26 -0.30
C HIS A 150 24.58 -0.57 -1.19
N VAL A 151 23.58 -1.19 -0.60
CA VAL A 151 22.64 -2.09 -1.31
C VAL A 151 21.93 -1.29 -2.42
N ARG A 152 21.35 -0.15 -2.10
CA ARG A 152 20.58 0.62 -3.11
C ARG A 152 21.53 1.01 -4.24
N GLU A 153 22.68 1.56 -3.89
CA GLU A 153 23.64 2.06 -4.90
C GLU A 153 24.08 0.90 -5.82
N LYS A 154 24.26 -0.32 -5.32
CA LYS A 154 24.67 -1.46 -6.17
C LYS A 154 23.49 -1.92 -7.04
N LEU A 155 22.26 -1.91 -6.53
CA LEU A 155 21.09 -2.26 -7.40
C LEU A 155 20.98 -1.23 -8.54
N ILE A 156 21.13 0.06 -8.24
CA ILE A 156 21.06 1.14 -9.26
C ILE A 156 22.14 0.86 -10.32
N LYS A 157 23.35 0.52 -9.92
CA LYS A 157 24.44 0.21 -10.89
C LYS A 157 24.03 -0.94 -11.79
N GLU A 158 23.46 -2.02 -11.26
CA GLU A 158 23.02 -3.18 -12.06
C GLU A 158 21.90 -2.76 -13.01
N LEU A 159 20.95 -1.95 -12.54
CA LEU A 159 19.80 -1.55 -13.40
C LEU A 159 20.29 -0.64 -14.50
N GLN A 160 21.20 0.25 -14.20
CA GLN A 160 21.82 1.12 -15.20
C GLN A 160 22.58 0.33 -16.25
N ASN A 161 23.30 -0.70 -15.84
CA ASN A 161 24.08 -1.59 -16.75
C ASN A 161 23.11 -2.36 -17.66
N SER A 162 21.99 -2.81 -17.10
CA SER A 162 20.97 -3.58 -17.83
C SER A 162 20.23 -2.72 -18.86
N PHE A 163 19.97 -1.46 -18.59
CA PHE A 163 19.05 -0.58 -19.35
C PHE A 163 19.68 0.76 -19.70
N PRO A 164 20.79 0.76 -20.47
CA PRO A 164 21.48 2.02 -20.80
C PRO A 164 20.62 2.99 -21.60
N ASP A 165 19.65 2.53 -22.37
CA ASP A 165 18.85 3.34 -23.34
C ASP A 165 17.48 3.70 -22.80
N TYR A 166 17.14 3.43 -21.54
CA TYR A 166 15.74 3.58 -21.13
C TYR A 166 15.40 5.03 -20.77
N GLY A 167 16.40 5.90 -20.70
CA GLY A 167 16.17 7.32 -20.40
C GLY A 167 15.68 7.52 -18.99
N LEU A 168 16.22 6.74 -18.07
CA LEU A 168 15.80 6.82 -16.65
C LEU A 168 16.86 7.46 -15.77
N LYS A 169 16.35 8.14 -14.78
CA LYS A 169 17.11 8.74 -13.67
C LYS A 169 16.86 7.87 -12.46
N TYR A 170 17.89 7.68 -11.67
CA TYR A 170 17.84 6.87 -10.44
C TYR A 170 18.17 7.77 -9.28
N SER A 171 17.29 7.92 -8.33
CA SER A 171 17.38 8.89 -7.24
C SER A 171 17.25 8.24 -5.88
N ILE A 172 18.31 8.25 -5.07
CA ILE A 172 18.25 7.70 -3.70
C ILE A 172 17.70 8.81 -2.80
N GLY A 173 16.37 8.91 -2.72
CA GLY A 173 15.65 9.97 -1.98
C GLY A 173 15.31 9.55 -0.56
N GLY A 174 14.87 8.32 -0.39
CA GLY A 174 14.17 7.90 0.83
C GLY A 174 15.15 7.42 1.88
N GLN A 175 14.57 7.03 2.98
CA GLN A 175 15.26 6.33 4.07
C GLN A 175 15.70 4.94 3.62
N ILE A 176 14.84 4.18 2.91
CA ILE A 176 15.11 2.74 2.61
C ILE A 176 14.87 2.45 1.12
N SER A 177 14.63 3.45 0.29
CA SER A 177 14.23 3.16 -1.11
C SER A 177 15.01 4.03 -2.08
N PHE A 178 14.86 3.75 -3.37
CA PHE A 178 15.23 4.70 -4.43
C PHE A 178 14.12 4.76 -5.45
N ASP A 179 14.08 5.90 -6.11
CA ASP A 179 13.06 6.21 -7.13
C ASP A 179 13.69 6.07 -8.51
N VAL A 180 12.89 5.62 -9.45
CA VAL A 180 13.30 5.54 -10.86
C VAL A 180 12.28 6.29 -11.69
N PHE A 181 12.73 7.23 -12.50
CA PHE A 181 11.78 7.99 -13.30
C PHE A 181 12.47 8.56 -14.52
N PRO A 182 11.71 8.92 -15.55
CA PRO A 182 12.32 9.54 -16.72
C PRO A 182 13.16 10.76 -16.37
N VAL A 183 14.25 10.90 -17.10
CA VAL A 183 15.10 12.11 -17.07
C VAL A 183 14.18 13.32 -17.26
N GLY A 184 14.33 14.29 -16.38
CA GLY A 184 13.52 15.52 -16.36
C GLY A 184 12.32 15.41 -15.45
N TRP A 185 12.06 14.24 -14.86
CA TRP A 185 10.92 14.08 -13.93
C TRP A 185 11.38 14.11 -12.47
N ASP A 186 12.52 14.78 -12.20
CA ASP A 186 12.98 15.11 -10.85
C ASP A 186 12.12 16.27 -10.31
N LYS A 187 12.41 16.72 -9.10
CA LYS A 187 11.60 17.77 -8.41
C LYS A 187 11.50 19.05 -9.24
N SER A 188 12.44 19.35 -10.13
CA SER A 188 12.33 20.52 -11.05
C SER A 188 11.09 20.41 -11.97
N TYR A 189 10.50 19.23 -12.09
CA TYR A 189 9.33 19.00 -12.96
C TYR A 189 8.22 19.97 -12.54
N CYS A 190 8.07 20.21 -11.25
CA CYS A 190 6.92 20.95 -10.70
C CYS A 190 6.97 22.40 -11.21
N LEU A 191 8.11 22.88 -11.69
CA LEU A 191 8.26 24.34 -12.02
C LEU A 191 7.40 24.69 -13.23
N ARG A 192 7.09 23.73 -14.11
CA ARG A 192 6.21 23.98 -15.28
C ARG A 192 4.84 24.53 -14.85
N PHE A 193 4.37 24.26 -13.64
CA PHE A 193 3.00 24.64 -13.21
C PHE A 193 2.99 26.04 -12.62
N VAL A 194 4.15 26.60 -12.35
CA VAL A 194 4.26 27.87 -11.56
C VAL A 194 5.16 28.89 -12.25
N GLU A 195 5.97 28.52 -13.25
CA GLU A 195 7.12 29.36 -13.67
C GLU A 195 6.61 30.68 -14.26
N ASN A 196 5.37 30.71 -14.75
CA ASN A 196 4.86 31.88 -15.49
C ASN A 196 3.96 32.72 -14.58
N ASP A 197 3.81 32.35 -13.31
CA ASP A 197 2.79 32.94 -12.40
C ASP A 197 3.46 33.72 -11.29
N PHE A 198 4.80 33.69 -11.21
CA PHE A 198 5.57 34.27 -10.08
C PHE A 198 6.76 35.05 -10.60
N ASP A 199 7.00 36.21 -9.98
CA ASP A 199 8.17 37.08 -10.25
C ASP A 199 9.42 36.39 -9.69
N GLU A 200 9.27 35.73 -8.55
CA GLU A 200 10.36 35.05 -7.81
C GLU A 200 9.81 33.74 -7.23
N ILE A 201 10.63 32.69 -7.30
CA ILE A 201 10.37 31.36 -6.67
C ILE A 201 11.60 30.99 -5.84
N HIS A 202 11.40 30.80 -4.54
CA HIS A 202 12.37 30.33 -3.53
C HIS A 202 12.16 28.82 -3.31
N PHE A 203 13.25 28.07 -3.13
CA PHE A 203 13.20 26.64 -2.78
C PHE A 203 14.08 26.45 -1.56
N PHE A 204 13.54 25.75 -0.56
CA PHE A 204 14.17 25.36 0.71
C PHE A 204 14.28 23.84 0.71
N GLY A 205 15.49 23.32 0.83
CA GLY A 205 15.65 21.87 1.02
C GLY A 205 17.00 21.54 1.63
N ASP A 206 17.08 20.35 2.19
CA ASP A 206 18.30 19.83 2.89
C ASP A 206 19.15 18.93 1.98
N LYS A 207 18.69 18.52 0.79
CA LYS A 207 19.43 17.52 -0.03
C LYS A 207 19.77 18.14 -1.37
N THR A 208 20.45 19.30 -1.35
CA THR A 208 20.70 20.21 -2.48
C THR A 208 22.06 19.91 -3.08
N HIS A 209 22.83 19.04 -2.45
CA HIS A 209 24.12 18.53 -2.98
C HIS A 209 23.85 17.57 -4.13
N ALA A 210 24.78 17.52 -5.10
CA ALA A 210 24.81 16.52 -6.20
C ALA A 210 24.54 15.14 -5.60
N GLY A 211 23.65 14.38 -6.23
CA GLY A 211 23.20 13.07 -5.75
C GLY A 211 22.05 13.17 -4.77
N GLY A 212 21.76 14.37 -4.23
CA GLY A 212 20.55 14.59 -3.42
C GLY A 212 19.32 14.81 -4.29
N ASN A 213 18.16 14.40 -3.80
CA ASN A 213 16.88 14.50 -4.57
C ASN A 213 16.39 15.96 -4.62
N ASP A 214 17.04 16.93 -3.95
CA ASP A 214 16.71 18.37 -4.19
C ASP A 214 17.72 19.08 -5.09
N TYR A 215 18.69 18.36 -5.65
CA TYR A 215 19.78 19.02 -6.39
C TYR A 215 19.26 19.77 -7.62
N GLU A 216 18.44 19.12 -8.46
CA GLU A 216 18.08 19.70 -9.77
C GLU A 216 17.21 20.96 -9.56
N ILE A 217 16.33 20.95 -8.56
CA ILE A 217 15.43 22.12 -8.31
C ILE A 217 16.26 23.24 -7.68
N TYR A 218 17.14 22.91 -6.73
CA TYR A 218 18.00 23.92 -6.08
C TYR A 218 18.81 24.69 -7.12
N THR A 219 19.31 24.00 -8.15
CA THR A 219 20.26 24.56 -9.15
C THR A 219 19.53 25.07 -10.38
N ASP A 220 18.19 25.02 -10.43
CA ASP A 220 17.44 25.53 -11.59
C ASP A 220 17.59 27.06 -11.63
N LYS A 221 17.80 27.64 -12.82
CA LYS A 221 18.02 29.10 -13.02
C LYS A 221 16.72 29.87 -12.74
N ARG A 222 15.57 29.20 -12.72
CA ARG A 222 14.26 29.85 -12.37
C ARG A 222 14.10 30.00 -10.85
N ILE A 223 15.04 29.47 -10.06
CA ILE A 223 14.92 29.27 -8.59
C ILE A 223 15.93 30.17 -7.90
N ILE A 224 15.51 30.76 -6.77
CA ILE A 224 16.39 31.26 -5.69
C ILE A 224 16.46 30.17 -4.63
N GLY A 225 17.62 29.52 -4.51
CA GLY A 225 17.84 28.34 -3.67
C GLY A 225 18.29 28.70 -2.27
N HIS A 226 17.80 27.95 -1.28
CA HIS A 226 18.13 28.10 0.17
C HIS A 226 18.45 26.71 0.72
N ALA A 227 19.73 26.37 0.85
CA ALA A 227 20.19 25.12 1.48
C ALA A 227 19.99 25.24 2.99
N VAL A 228 19.16 24.38 3.60
CA VAL A 228 18.86 24.36 5.06
C VAL A 228 19.35 23.01 5.60
N LYS A 229 19.77 22.92 6.86
CA LYS A 229 20.28 21.67 7.47
C LYS A 229 19.17 21.03 8.31
N SER A 230 18.23 21.83 8.79
CA SER A 230 17.14 21.39 9.70
C SER A 230 15.96 22.36 9.57
N TYR A 231 14.81 21.97 10.13
CA TYR A 231 13.58 22.79 10.15
C TYR A 231 13.83 24.08 10.94
N LYS A 232 14.78 24.05 11.89
CA LYS A 232 15.19 25.27 12.62
C LYS A 232 15.77 26.29 11.62
N ASP A 233 16.59 25.83 10.67
CA ASP A 233 17.19 26.73 9.64
C ASP A 233 16.09 27.21 8.69
N THR A 234 15.07 26.37 8.47
CA THR A 234 13.94 26.75 7.57
C THR A 234 13.17 27.88 8.24
N VAL A 235 12.80 27.71 9.51
CA VAL A 235 12.15 28.79 10.33
C VAL A 235 12.99 30.06 10.17
N ASP A 236 14.29 29.98 10.44
CA ASP A 236 15.22 31.15 10.36
C ASP A 236 15.12 31.82 8.99
N GLU A 237 15.17 31.03 7.91
CA GLU A 237 15.36 31.54 6.52
C GLU A 237 14.05 32.18 6.05
N VAL A 238 12.91 31.63 6.46
CA VAL A 238 11.55 32.15 6.12
C VAL A 238 11.31 33.42 6.94
N ASN A 239 11.71 33.43 8.22
CA ASN A 239 11.69 34.64 9.10
C ASN A 239 12.42 35.80 8.42
N LYS A 240 13.58 35.55 7.78
CA LYS A 240 14.37 36.60 7.09
C LYS A 240 13.55 37.19 5.95
N LEU A 241 12.89 36.36 5.14
CA LEU A 241 12.04 36.81 3.99
C LEU A 241 10.82 37.61 4.50
N ILE A 242 10.16 37.14 5.56
CA ILE A 242 9.00 37.83 6.20
C ILE A 242 9.47 39.24 6.64
N SER A 243 10.62 39.33 7.30
CA SER A 243 11.24 40.61 7.80
C SER A 243 11.72 41.54 6.67
N SER A 244 11.47 41.22 5.39
CA SER A 244 11.64 42.18 4.27
C SER A 244 10.67 41.83 3.14
N LYS B 2 -29.75 -16.53 25.59
CA LYS B 2 -29.17 -17.27 24.37
C LYS B 2 -28.40 -16.29 23.47
N LYS B 3 -27.12 -16.58 23.19
CA LYS B 3 -26.27 -15.72 22.34
C LYS B 3 -25.96 -16.49 21.06
N VAL B 4 -26.31 -15.92 19.94
CA VAL B 4 -26.06 -16.55 18.61
C VAL B 4 -25.29 -15.56 17.73
N LEU B 5 -24.12 -16.01 17.24
CA LEU B 5 -23.27 -15.25 16.30
C LEU B 5 -23.54 -15.74 14.88
N LEU B 6 -23.76 -14.83 13.95
CA LEU B 6 -23.83 -15.12 12.50
C LEU B 6 -22.59 -14.51 11.83
N LEU B 7 -21.73 -15.38 11.27
CA LEU B 7 -20.48 -14.99 10.58
C LEU B 7 -20.66 -15.18 9.08
N PHE B 8 -20.29 -14.17 8.30
CA PHE B 8 -20.50 -14.12 6.85
C PHE B 8 -19.17 -13.96 6.16
N ASP B 9 -18.90 -14.82 5.20
CA ASP B 9 -17.95 -14.46 4.11
C ASP B 9 -18.53 -13.24 3.39
N ILE B 10 -17.72 -12.46 2.68
CA ILE B 10 -18.27 -11.23 2.04
C ILE B 10 -18.55 -11.47 0.55
N ASP B 11 -17.51 -11.55 -0.27
CA ASP B 11 -17.70 -11.61 -1.75
C ASP B 11 -18.49 -12.87 -2.09
N GLY B 12 -19.64 -12.71 -2.75
CA GLY B 12 -20.47 -13.83 -3.20
C GLY B 12 -21.45 -14.31 -2.17
N THR B 13 -21.38 -13.81 -0.93
CA THR B 13 -22.22 -14.20 0.22
C THR B 13 -23.10 -13.00 0.64
N LEU B 14 -22.47 -11.85 0.84
CA LEU B 14 -23.18 -10.60 1.23
C LEU B 14 -23.27 -9.72 -0.01
N THR B 15 -22.64 -10.13 -1.10
CA THR B 15 -22.55 -9.35 -2.36
C THR B 15 -22.64 -10.27 -3.58
N PRO B 16 -23.11 -9.73 -4.73
CA PRO B 16 -22.81 -10.33 -6.03
C PRO B 16 -21.31 -10.36 -6.24
N PRO B 17 -20.73 -11.32 -7.01
CA PRO B 17 -19.28 -11.33 -7.23
C PRO B 17 -18.72 -9.98 -7.71
N ARG B 18 -17.71 -9.47 -6.99
CA ARG B 18 -16.88 -8.27 -7.34
C ARG B 18 -17.70 -6.96 -7.21
N LEU B 19 -18.91 -7.01 -6.67
CA LEU B 19 -19.77 -5.81 -6.51
C LEU B 19 -20.02 -5.54 -5.02
N SER B 20 -20.89 -4.58 -4.72
CA SER B 20 -21.17 -4.04 -3.37
C SER B 20 -22.43 -4.66 -2.77
N GLN B 21 -22.60 -4.49 -1.46
CA GLN B 21 -23.73 -5.06 -0.68
C GLN B 21 -25.06 -4.55 -1.23
N PRO B 22 -25.98 -5.43 -1.67
CA PRO B 22 -27.33 -5.00 -2.07
C PRO B 22 -28.25 -4.65 -0.88
N ASP B 23 -29.37 -3.98 -1.19
CA ASP B 23 -30.28 -3.45 -0.15
C ASP B 23 -30.91 -4.61 0.62
N GLU B 24 -31.20 -5.73 -0.06
CA GLU B 24 -31.85 -6.92 0.53
C GLU B 24 -30.95 -7.48 1.64
N VAL B 25 -29.65 -7.44 1.41
CA VAL B 25 -28.63 -7.93 2.39
C VAL B 25 -28.61 -6.96 3.59
N ARG B 26 -28.47 -5.65 3.35
CA ARG B 26 -28.49 -4.64 4.45
C ARG B 26 -29.76 -4.85 5.27
N GLU B 27 -30.90 -5.00 4.60
CA GLU B 27 -32.20 -5.21 5.29
C GLU B 27 -32.09 -6.41 6.22
N VAL B 28 -31.65 -7.59 5.73
CA VAL B 28 -31.71 -8.84 6.54
C VAL B 28 -30.72 -8.75 7.71
N ILE B 29 -29.58 -8.11 7.52
CA ILE B 29 -28.58 -7.93 8.61
C ILE B 29 -29.19 -7.01 9.70
N ARG B 30 -29.77 -5.87 9.30
CA ARG B 30 -30.53 -4.95 10.22
C ARG B 30 -31.57 -5.77 11.00
N ARG B 31 -32.38 -6.56 10.32
CA ARG B 31 -33.46 -7.35 10.98
C ARG B 31 -32.85 -8.42 11.88
N ALA B 32 -31.71 -9.06 11.52
CA ALA B 32 -31.10 -10.08 12.39
C ALA B 32 -30.61 -9.44 13.70
N LYS B 33 -29.98 -8.28 13.61
CA LYS B 33 -29.49 -7.56 14.81
C LYS B 33 -30.68 -7.16 15.71
N SER B 34 -31.82 -6.76 15.13
CA SER B 34 -33.04 -6.35 15.90
C SER B 34 -33.60 -7.55 16.68
N ALA B 35 -33.44 -8.77 16.15
CA ALA B 35 -33.93 -10.00 16.80
C ALA B 35 -32.98 -10.37 17.94
N GLY B 36 -31.76 -9.81 17.94
CA GLY B 36 -30.76 -10.05 18.99
C GLY B 36 -29.61 -10.95 18.54
N PHE B 37 -29.48 -11.23 17.26
CA PHE B 37 -28.28 -11.92 16.69
C PHE B 37 -27.07 -10.97 16.73
N THR B 38 -25.92 -11.51 17.06
CA THR B 38 -24.61 -10.81 16.87
C THR B 38 -24.16 -11.16 15.45
N VAL B 39 -23.58 -10.21 14.75
CA VAL B 39 -23.23 -10.43 13.32
C VAL B 39 -21.75 -10.10 13.11
N GLY B 40 -21.07 -10.86 12.26
CA GLY B 40 -19.66 -10.57 11.99
C GLY B 40 -19.31 -10.94 10.57
N THR B 41 -18.27 -10.32 10.05
CA THR B 41 -17.72 -10.64 8.72
C THR B 41 -16.39 -11.38 8.87
N VAL B 42 -16.12 -12.31 7.98
CA VAL B 42 -14.76 -12.93 7.98
C VAL B 42 -14.33 -13.00 6.51
N GLY B 43 -13.41 -12.11 6.16
CA GLY B 43 -12.81 -12.11 4.81
C GLY B 43 -11.34 -12.46 4.85
N GLY B 44 -10.81 -12.90 3.71
CA GLY B 44 -9.37 -13.18 3.52
C GLY B 44 -8.57 -11.95 3.09
N SER B 45 -9.24 -10.87 2.70
CA SER B 45 -8.60 -9.64 2.16
C SER B 45 -8.20 -8.71 3.31
N ASP B 46 -7.69 -7.52 3.00
CA ASP B 46 -7.46 -6.47 4.03
C ASP B 46 -8.79 -5.76 4.34
N LEU B 47 -8.78 -4.92 5.37
CA LEU B 47 -9.96 -4.14 5.80
C LEU B 47 -10.47 -3.24 4.66
N ALA B 48 -9.55 -2.58 3.96
CA ALA B 48 -9.88 -1.60 2.90
C ALA B 48 -10.84 -2.27 1.91
N LYS B 49 -10.65 -3.57 1.65
CA LYS B 49 -11.44 -4.30 0.65
C LYS B 49 -12.87 -4.48 1.20
N GLN B 50 -13.00 -4.74 2.51
CA GLN B 50 -14.33 -4.89 3.16
C GLN B 50 -15.05 -3.54 3.14
N ILE B 51 -14.33 -2.43 3.35
CA ILE B 51 -14.95 -1.08 3.34
C ILE B 51 -15.52 -0.84 1.94
N GLU B 52 -14.84 -1.34 0.90
CA GLU B 52 -15.20 -1.11 -0.52
C GLU B 52 -16.44 -1.93 -0.87
N GLN B 53 -16.61 -3.13 -0.33
CA GLN B 53 -17.74 -4.02 -0.67
C GLN B 53 -18.94 -3.71 0.23
N LEU B 54 -18.72 -3.36 1.49
CA LEU B 54 -19.83 -3.29 2.49
C LEU B 54 -20.17 -1.84 2.83
N GLY B 55 -19.18 -0.94 2.78
CA GLY B 55 -19.40 0.51 2.97
C GLY B 55 -18.55 1.07 4.10
N GLU B 56 -18.47 2.40 4.19
CA GLU B 56 -17.62 3.13 5.18
C GLU B 56 -18.06 2.82 6.61
N ASP B 57 -19.33 2.45 6.83
CA ASP B 57 -19.89 2.21 8.18
C ASP B 57 -19.85 0.71 8.52
N VAL B 58 -18.95 -0.07 7.91
CA VAL B 58 -18.94 -1.54 8.15
C VAL B 58 -18.79 -1.83 9.64
N PHE B 59 -18.01 -1.05 10.40
CA PHE B 59 -17.78 -1.27 11.85
C PHE B 59 -19.07 -1.06 12.66
N GLN B 60 -20.01 -0.29 12.14
CA GLN B 60 -21.34 -0.06 12.77
C GLN B 60 -22.29 -1.16 12.30
N GLN B 61 -22.23 -1.59 11.03
CA GLN B 61 -23.12 -2.67 10.54
C GLN B 61 -22.85 -3.99 11.29
N PHE B 62 -21.58 -4.32 11.53
CA PHE B 62 -21.16 -5.63 12.05
C PHE B 62 -20.50 -5.44 13.40
N ASP B 63 -20.85 -6.31 14.34
CA ASP B 63 -20.28 -6.37 15.69
C ASP B 63 -18.79 -6.75 15.56
N TYR B 64 -18.50 -7.80 14.78
CA TYR B 64 -17.14 -8.30 14.54
C TYR B 64 -16.79 -8.07 13.07
N VAL B 65 -15.59 -7.55 12.84
CA VAL B 65 -15.00 -7.46 11.49
C VAL B 65 -13.66 -8.19 11.55
N PHE B 66 -13.62 -9.37 10.93
CA PHE B 66 -12.37 -10.16 10.84
C PHE B 66 -11.80 -9.98 9.44
N ALA B 67 -10.68 -9.29 9.37
CA ALA B 67 -9.87 -9.11 8.15
C ALA B 67 -8.72 -10.09 8.15
N GLU B 68 -8.19 -10.44 6.99
CA GLU B 68 -7.04 -11.38 6.92
C GLU B 68 -7.37 -12.63 7.74
N ASN B 69 -8.56 -13.20 7.55
CA ASN B 69 -8.97 -14.49 8.18
C ASN B 69 -9.14 -14.33 9.71
N GLY B 70 -9.16 -13.13 10.25
CA GLY B 70 -9.18 -12.95 11.71
C GLY B 70 -7.81 -12.63 12.28
N LEU B 71 -6.78 -12.60 11.45
CA LEU B 71 -5.41 -12.22 11.91
C LEU B 71 -5.40 -10.73 12.23
N LEU B 72 -6.35 -9.98 11.68
CA LEU B 72 -6.63 -8.58 12.11
C LEU B 72 -8.11 -8.54 12.48
N ALA B 73 -8.42 -8.34 13.75
CA ALA B 73 -9.78 -8.52 14.27
C ALA B 73 -10.25 -7.25 14.96
N TYR B 74 -11.48 -6.86 14.67
CA TYR B 74 -12.12 -5.69 15.31
C TYR B 74 -13.44 -6.11 15.93
N LYS B 75 -13.73 -5.55 17.09
CA LYS B 75 -15.06 -5.71 17.74
C LYS B 75 -15.60 -4.31 18.04
N HIS B 76 -16.75 -3.95 17.47
CA HIS B 76 -17.36 -2.59 17.64
C HIS B 76 -16.34 -1.53 17.26
N GLY B 77 -15.66 -1.72 16.12
CA GLY B 77 -14.71 -0.75 15.55
C GLY B 77 -13.40 -0.65 16.30
N LYS B 78 -13.18 -1.45 17.35
CA LYS B 78 -11.94 -1.48 18.16
C LYS B 78 -11.06 -2.68 17.74
N GLU B 79 -9.78 -2.48 17.49
CA GLU B 79 -8.82 -3.58 17.22
C GLU B 79 -8.68 -4.49 18.46
N ILE B 80 -9.00 -5.77 18.35
CA ILE B 80 -8.83 -6.71 19.49
C ILE B 80 -7.66 -7.66 19.23
N HIS B 81 -7.18 -7.77 17.99
CA HIS B 81 -6.09 -8.73 17.69
C HIS B 81 -5.34 -8.31 16.45
N ARG B 82 -4.03 -8.43 16.49
CA ARG B 82 -3.24 -8.21 15.25
C ARG B 82 -2.09 -9.19 15.28
N GLN B 83 -2.17 -10.22 14.46
CA GLN B 83 -1.16 -11.30 14.46
C GLN B 83 0.06 -10.83 13.69
N ASN B 84 1.21 -11.48 13.89
CA ASN B 84 2.38 -11.24 13.00
C ASN B 84 2.96 -12.56 12.52
N LEU B 85 3.26 -12.61 11.25
CA LEU B 85 3.79 -13.83 10.60
C LEU B 85 5.16 -14.18 11.19
N LEU B 86 5.97 -13.18 11.51
CA LEU B 86 7.36 -13.38 11.94
C LEU B 86 7.37 -14.32 13.14
N LYS B 87 6.46 -14.19 14.06
CA LYS B 87 6.61 -15.04 15.26
C LYS B 87 6.32 -16.49 14.87
N GLU B 88 5.49 -16.75 13.87
CA GLU B 88 5.19 -18.14 13.47
C GLU B 88 6.28 -18.74 12.58
N LEU B 89 6.86 -18.00 11.61
CA LEU B 89 7.77 -18.58 10.62
C LEU B 89 9.23 -18.30 10.96
N GLY B 90 9.50 -17.17 11.58
CA GLY B 90 10.87 -16.71 11.80
C GLY B 90 11.46 -16.03 10.59
N ASN B 91 12.45 -15.21 10.84
CA ASN B 91 12.98 -14.35 9.78
C ASN B 91 13.62 -15.18 8.64
N GLU B 92 14.40 -16.20 8.96
CA GLU B 92 15.15 -16.97 7.93
C GLU B 92 14.16 -17.52 6.91
N ARG B 93 13.06 -18.14 7.38
CA ARG B 93 12.10 -18.75 6.45
C ARG B 93 11.40 -17.65 5.64
N ILE B 94 11.01 -16.57 6.27
CA ILE B 94 10.38 -15.45 5.51
C ILE B 94 11.31 -15.03 4.39
N VAL B 95 12.54 -14.72 4.71
CA VAL B 95 13.47 -14.14 3.73
C VAL B 95 13.69 -15.18 2.60
N LYS B 96 13.85 -16.46 2.93
CA LYS B 96 14.08 -17.46 1.85
C LYS B 96 12.82 -17.54 0.98
N PHE B 97 11.66 -17.49 1.61
CA PHE B 97 10.38 -17.60 0.88
C PHE B 97 10.29 -16.42 -0.07
N VAL B 98 10.39 -15.20 0.45
CA VAL B 98 10.18 -14.00 -0.42
C VAL B 98 11.26 -13.97 -1.51
N ARG B 99 12.51 -14.36 -1.25
CA ARG B 99 13.53 -14.40 -2.31
C ARG B 99 13.19 -15.40 -3.40
N ARG B 100 12.62 -16.54 -3.06
CA ARG B 100 12.20 -17.51 -4.08
C ARG B 100 11.01 -16.95 -4.86
N ALA B 101 10.05 -16.35 -4.17
CA ALA B 101 8.87 -15.76 -4.86
C ALA B 101 9.36 -14.66 -5.82
N LEU B 102 10.27 -13.81 -5.38
CA LEU B 102 10.82 -12.76 -6.29
C LEU B 102 11.44 -13.39 -7.51
N ARG B 103 12.24 -14.45 -7.37
CA ARG B 103 12.93 -15.10 -8.52
C ARG B 103 11.85 -15.65 -9.43
N LEU B 104 10.88 -16.33 -8.88
CA LEU B 104 9.81 -16.91 -9.74
C LEU B 104 9.03 -15.82 -10.48
N LEU B 105 8.71 -14.70 -9.82
CA LEU B 105 7.98 -13.62 -10.50
C LEU B 105 8.85 -12.97 -11.57
N SER B 106 10.17 -12.99 -11.42
CA SER B 106 11.11 -12.40 -12.42
C SER B 106 11.18 -13.28 -13.68
N GLU B 107 10.79 -14.56 -13.58
CA GLU B 107 10.90 -15.59 -14.64
C GLU B 107 9.59 -15.66 -15.43
N LEU B 108 8.56 -14.92 -15.04
CA LEU B 108 7.26 -14.92 -15.77
C LEU B 108 7.42 -14.30 -17.16
N ASP B 109 6.51 -14.71 -18.04
CA ASP B 109 6.42 -14.18 -19.42
C ASP B 109 5.02 -13.61 -19.63
N ILE B 110 4.34 -13.16 -18.57
CA ILE B 110 2.97 -12.59 -18.68
C ILE B 110 3.09 -11.22 -19.33
N PRO B 111 2.05 -10.76 -20.02
CA PRO B 111 2.23 -9.53 -20.81
C PRO B 111 2.35 -8.22 -20.03
N VAL B 112 1.77 -8.13 -18.83
CA VAL B 112 1.67 -6.91 -18.01
C VAL B 112 2.13 -7.22 -16.59
N GLN B 113 3.11 -6.46 -16.15
CA GLN B 113 3.56 -6.41 -14.74
C GLN B 113 3.78 -4.95 -14.34
N ARG B 114 3.46 -4.62 -13.12
CA ARG B 114 3.57 -3.22 -12.64
C ARG B 114 4.30 -3.13 -11.32
N GLY B 115 3.62 -3.37 -10.20
CA GLY B 115 4.23 -3.21 -8.88
C GLY B 115 3.36 -3.72 -7.77
N THR B 116 3.95 -3.90 -6.58
CA THR B 116 3.35 -4.52 -5.36
C THR B 116 3.03 -5.96 -5.72
N PHE B 117 4.07 -6.71 -5.95
CA PHE B 117 3.98 -8.17 -6.24
C PHE B 117 3.85 -8.99 -4.99
N ILE B 118 4.56 -8.62 -3.95
CA ILE B 118 4.64 -9.34 -2.66
C ILE B 118 4.20 -8.38 -1.57
N GLU B 119 3.03 -8.60 -0.98
CA GLU B 119 2.50 -7.73 0.09
C GLU B 119 2.57 -8.52 1.40
N TYR B 120 3.35 -8.01 2.33
CA TYR B 120 3.58 -8.61 3.66
C TYR B 120 2.60 -7.95 4.59
N ARG B 121 1.53 -8.66 4.91
CA ARG B 121 0.43 -8.11 5.71
C ARG B 121 0.60 -8.54 7.17
N ASN B 122 -0.45 -8.69 7.96
CA ASN B 122 -0.25 -8.93 9.41
C ASN B 122 0.27 -10.35 9.59
N GLY B 123 -0.49 -11.33 9.20
CA GLY B 123 -0.09 -12.75 9.36
C GLY B 123 -0.13 -13.50 8.05
N MET B 124 -0.10 -12.83 6.90
CA MET B 124 -0.11 -13.51 5.60
C MET B 124 0.73 -12.74 4.60
N ILE B 125 1.16 -13.44 3.60
CA ILE B 125 1.80 -12.82 2.41
C ILE B 125 0.88 -12.97 1.24
N ASN B 126 0.69 -11.88 0.51
CA ASN B 126 -0.16 -11.87 -0.70
C ASN B 126 0.78 -11.81 -1.89
N VAL B 127 0.63 -12.68 -2.85
CA VAL B 127 1.50 -12.72 -4.05
C VAL B 127 0.59 -12.38 -5.22
N CYS B 128 0.98 -11.35 -5.94
CA CYS B 128 0.16 -10.86 -7.07
C CYS B 128 1.06 -10.78 -8.30
N PRO B 129 0.94 -11.68 -9.28
CA PRO B 129 1.89 -11.76 -10.42
C PRO B 129 1.96 -10.50 -11.27
N ILE B 130 0.82 -9.85 -11.50
CA ILE B 130 0.78 -8.59 -12.30
C ILE B 130 1.19 -7.43 -11.41
N GLY B 131 1.01 -7.52 -10.10
CA GLY B 131 1.29 -6.44 -9.16
C GLY B 131 0.02 -5.71 -8.82
N ARG B 132 -0.17 -5.38 -7.57
CA ARG B 132 -1.42 -4.80 -7.04
C ARG B 132 -1.54 -3.36 -7.54
N ASN B 133 -0.47 -2.75 -8.08
CA ASN B 133 -0.50 -1.34 -8.56
C ASN B 133 -1.04 -1.21 -9.98
N CYS B 134 -1.75 -2.19 -10.51
CA CYS B 134 -2.25 -2.16 -11.89
C CYS B 134 -3.62 -1.48 -11.96
N THR B 135 -4.05 -1.07 -13.16
CA THR B 135 -5.38 -0.44 -13.33
C THR B 135 -6.49 -1.50 -13.22
N GLN B 136 -7.72 -1.06 -13.03
CA GLN B 136 -8.89 -1.96 -13.03
C GLN B 136 -8.87 -2.77 -14.34
N SER B 137 -8.70 -2.13 -15.50
CA SER B 137 -8.70 -2.81 -16.81
C SER B 137 -7.62 -3.89 -16.81
N GLU B 138 -6.43 -3.56 -16.29
CA GLU B 138 -5.30 -4.54 -16.32
C GLU B 138 -5.60 -5.70 -15.38
N ARG B 139 -6.21 -5.41 -14.25
CA ARG B 139 -6.64 -6.43 -13.27
C ARG B 139 -7.65 -7.38 -13.94
N ASP B 140 -8.64 -6.81 -14.61
CA ASP B 140 -9.69 -7.65 -15.25
C ASP B 140 -9.07 -8.50 -16.36
N GLU B 141 -8.14 -7.93 -17.13
CA GLU B 141 -7.39 -8.65 -18.18
C GLU B 141 -6.61 -9.80 -17.58
N PHE B 142 -5.90 -9.58 -16.49
CA PHE B 142 -5.06 -10.64 -15.88
C PHE B 142 -5.94 -11.78 -15.34
N GLU B 143 -7.10 -11.45 -14.79
CA GLU B 143 -8.06 -12.48 -14.31
C GLU B 143 -8.32 -13.47 -15.45
N VAL B 144 -8.61 -12.97 -16.65
CA VAL B 144 -8.93 -13.85 -17.78
C VAL B 144 -7.69 -14.60 -18.25
N TYR B 145 -6.56 -13.90 -18.34
CA TYR B 145 -5.25 -14.50 -18.71
C TYR B 145 -4.98 -15.69 -17.79
N ASP B 146 -5.17 -15.51 -16.49
CA ASP B 146 -4.81 -16.54 -15.49
C ASP B 146 -5.73 -17.75 -15.64
N LYS B 147 -6.96 -17.60 -16.16
CA LYS B 147 -7.82 -18.81 -16.35
C LYS B 147 -7.28 -19.67 -17.51
N GLU B 148 -6.61 -19.07 -18.49
CA GLU B 148 -6.03 -19.80 -19.63
C GLU B 148 -4.68 -20.36 -19.25
N HIS B 149 -3.82 -19.57 -18.57
CA HIS B 149 -2.36 -19.82 -18.44
C HIS B 149 -2.01 -20.30 -17.02
N HIS B 150 -2.92 -20.21 -16.06
CA HIS B 150 -2.76 -20.84 -14.71
C HIS B 150 -1.51 -20.31 -13.99
N VAL B 151 -1.26 -19.02 -14.15
CA VAL B 151 -0.04 -18.38 -13.62
C VAL B 151 -0.01 -18.60 -12.11
N ARG B 152 -1.06 -18.29 -11.38
CA ARG B 152 -1.00 -18.44 -9.91
C ARG B 152 -0.79 -19.89 -9.50
N GLU B 153 -1.52 -20.80 -10.13
CA GLU B 153 -1.43 -22.25 -9.78
C GLU B 153 -0.02 -22.77 -10.03
N LYS B 154 0.62 -22.36 -11.11
CA LYS B 154 2.01 -22.79 -11.42
C LYS B 154 2.96 -22.19 -10.37
N LEU B 155 2.79 -20.93 -9.99
CA LEU B 155 3.66 -20.34 -8.96
C LEU B 155 3.52 -21.08 -7.65
N ILE B 156 2.28 -21.38 -7.25
CA ILE B 156 2.04 -22.15 -5.99
C ILE B 156 2.80 -23.48 -6.11
N LYS B 157 2.65 -24.20 -7.20
CA LYS B 157 3.35 -25.50 -7.37
C LYS B 157 4.86 -25.34 -7.20
N GLU B 158 5.45 -24.30 -7.78
CA GLU B 158 6.90 -24.06 -7.63
C GLU B 158 7.25 -23.75 -6.17
N LEU B 159 6.43 -22.98 -5.47
CA LEU B 159 6.71 -22.67 -4.04
C LEU B 159 6.54 -23.93 -3.17
N GLN B 160 5.55 -24.74 -3.44
CA GLN B 160 5.38 -26.03 -2.73
C GLN B 160 6.61 -26.91 -2.95
N ASN B 161 7.09 -26.98 -4.17
CA ASN B 161 8.26 -27.82 -4.50
C ASN B 161 9.49 -27.28 -3.76
N SER B 162 9.67 -25.96 -3.68
CA SER B 162 10.84 -25.34 -3.03
C SER B 162 10.81 -25.51 -1.51
N PHE B 163 9.64 -25.52 -0.90
CA PHE B 163 9.43 -25.38 0.55
C PHE B 163 8.44 -26.41 1.08
N PRO B 164 8.78 -27.71 0.95
CA PRO B 164 7.87 -28.76 1.39
C PRO B 164 7.50 -28.72 2.88
N ASP B 165 8.43 -28.34 3.74
CA ASP B 165 8.15 -28.50 5.19
C ASP B 165 7.91 -27.15 5.84
N TYR B 166 7.49 -26.11 5.10
CA TYR B 166 7.46 -24.75 5.66
C TYR B 166 6.22 -24.54 6.51
N GLY B 167 5.21 -25.40 6.46
CA GLY B 167 4.05 -25.13 7.33
C GLY B 167 3.14 -24.04 6.80
N LEU B 168 3.15 -23.86 5.48
CA LEU B 168 2.33 -22.84 4.80
C LEU B 168 1.17 -23.46 4.04
N LYS B 169 0.06 -22.77 4.09
CA LYS B 169 -1.14 -22.98 3.27
C LYS B 169 -1.12 -21.94 2.16
N TYR B 170 -1.43 -22.38 0.94
CA TYR B 170 -1.55 -21.53 -0.29
C TYR B 170 -3.02 -21.48 -0.64
N SER B 171 -3.56 -20.27 -0.80
CA SER B 171 -5.02 -20.09 -1.01
C SER B 171 -5.23 -19.08 -2.12
N ILE B 172 -5.82 -19.50 -3.23
CA ILE B 172 -6.16 -18.54 -4.32
C ILE B 172 -7.48 -17.91 -3.93
N GLY B 173 -7.42 -16.87 -3.12
CA GLY B 173 -8.63 -16.21 -2.56
C GLY B 173 -9.17 -15.15 -3.50
N GLY B 174 -8.27 -14.39 -4.09
CA GLY B 174 -8.54 -13.09 -4.69
C GLY B 174 -8.74 -13.19 -6.18
N GLN B 175 -8.94 -12.05 -6.79
CA GLN B 175 -9.15 -11.94 -8.24
C GLN B 175 -7.82 -12.14 -8.97
N ILE B 176 -6.71 -11.56 -8.49
CA ILE B 176 -5.44 -11.56 -9.28
C ILE B 176 -4.28 -12.04 -8.39
N SER B 177 -4.56 -12.54 -7.21
CA SER B 177 -3.48 -12.86 -6.25
C SER B 177 -3.73 -14.20 -5.59
N PHE B 178 -2.75 -14.65 -4.84
CA PHE B 178 -2.95 -15.73 -3.86
C PHE B 178 -2.32 -15.35 -2.54
N ASP B 179 -2.84 -15.98 -1.49
CA ASP B 179 -2.53 -15.75 -0.07
C ASP B 179 -1.66 -16.91 0.38
N VAL B 180 -0.68 -16.60 1.19
CA VAL B 180 0.17 -17.59 1.85
C VAL B 180 0.12 -17.31 3.34
N PHE B 181 -0.18 -18.32 4.14
CA PHE B 181 -0.25 -18.13 5.60
C PHE B 181 0.06 -19.45 6.27
N PRO B 182 0.47 -19.41 7.54
CA PRO B 182 0.66 -20.63 8.30
C PRO B 182 -0.57 -21.53 8.35
N VAL B 183 -0.30 -22.82 8.28
CA VAL B 183 -1.35 -23.84 8.53
C VAL B 183 -2.09 -23.44 9.83
N GLY B 184 -3.42 -23.49 9.81
CA GLY B 184 -4.32 -23.10 10.90
C GLY B 184 -4.71 -21.63 10.88
N TRP B 185 -4.14 -20.80 10.00
CA TRP B 185 -4.43 -19.34 9.94
C TRP B 185 -5.40 -19.02 8.79
N ASP B 186 -6.16 -20.03 8.41
CA ASP B 186 -7.33 -19.93 7.51
C ASP B 186 -8.44 -19.23 8.29
N LYS B 187 -9.60 -19.09 7.66
CA LYS B 187 -10.73 -18.33 8.25
C LYS B 187 -11.18 -18.91 9.59
N SER B 188 -11.00 -20.21 9.86
CA SER B 188 -11.31 -20.79 11.19
C SER B 188 -10.48 -20.14 12.29
N TYR B 189 -9.43 -19.40 11.94
CA TYR B 189 -8.58 -18.70 12.94
C TYR B 189 -9.44 -17.76 13.79
N CYS B 190 -10.45 -17.12 13.22
CA CYS B 190 -11.24 -16.07 13.90
C CYS B 190 -12.05 -16.70 15.04
N LEU B 191 -12.23 -18.03 15.06
CA LEU B 191 -13.12 -18.69 16.06
C LEU B 191 -12.47 -18.63 17.45
N ARG B 192 -11.18 -18.39 17.56
CA ARG B 192 -10.52 -18.26 18.88
C ARG B 192 -11.07 -17.03 19.63
N PHE B 193 -11.66 -16.06 18.95
CA PHE B 193 -12.12 -14.80 19.59
C PHE B 193 -13.59 -14.86 19.97
N VAL B 194 -14.28 -15.92 19.58
CA VAL B 194 -15.76 -15.97 19.78
C VAL B 194 -16.20 -17.29 20.38
N GLU B 195 -15.36 -18.31 20.38
CA GLU B 195 -15.77 -19.70 20.68
C GLU B 195 -16.36 -19.76 22.11
N ASN B 196 -15.85 -18.95 23.04
CA ASN B 196 -16.25 -19.04 24.48
C ASN B 196 -17.39 -18.07 24.79
N ASP B 197 -17.91 -17.32 23.82
CA ASP B 197 -18.83 -16.18 24.08
C ASP B 197 -20.21 -16.40 23.44
N PHE B 198 -20.46 -17.56 22.81
CA PHE B 198 -21.72 -17.81 22.06
C PHE B 198 -22.21 -19.26 22.22
N ASP B 199 -23.52 -19.45 22.32
CA ASP B 199 -24.20 -20.78 22.39
C ASP B 199 -24.11 -21.46 21.02
N GLU B 200 -24.34 -20.70 19.96
CA GLU B 200 -24.31 -21.19 18.56
C GLU B 200 -23.56 -20.18 17.71
N ILE B 201 -22.75 -20.67 16.77
CA ILE B 201 -22.10 -19.82 15.75
C ILE B 201 -22.47 -20.36 14.38
N HIS B 202 -23.12 -19.55 13.57
CA HIS B 202 -23.52 -19.92 12.20
C HIS B 202 -22.50 -19.31 11.25
N PHE B 203 -22.02 -20.08 10.28
CA PHE B 203 -21.16 -19.51 9.22
C PHE B 203 -21.88 -19.60 7.89
N PHE B 204 -21.86 -18.53 7.09
CA PHE B 204 -22.44 -18.49 5.73
C PHE B 204 -21.35 -18.18 4.70
N GLY B 205 -21.23 -18.99 3.65
CA GLY B 205 -20.19 -18.76 2.63
C GLY B 205 -20.45 -19.49 1.33
N ASP B 206 -19.89 -18.94 0.27
CA ASP B 206 -20.07 -19.42 -1.13
C ASP B 206 -18.90 -20.31 -1.57
N LYS B 207 -17.84 -20.42 -0.77
CA LYS B 207 -16.60 -21.13 -1.15
C LYS B 207 -16.32 -22.24 -0.15
N THR B 208 -17.35 -23.01 0.20
CA THR B 208 -17.29 -23.99 1.32
C THR B 208 -16.86 -25.39 0.83
N HIS B 209 -16.73 -25.62 -0.47
CA HIS B 209 -16.21 -26.90 -1.00
C HIS B 209 -14.72 -27.06 -0.64
N ALA B 210 -14.22 -28.28 -0.48
CA ALA B 210 -12.78 -28.52 -0.24
C ALA B 210 -11.99 -27.79 -1.34
N GLY B 211 -10.98 -26.99 -0.98
CA GLY B 211 -10.25 -26.12 -1.92
C GLY B 211 -10.69 -24.66 -1.90
N GLY B 212 -11.90 -24.42 -1.42
CA GLY B 212 -12.43 -23.05 -1.26
C GLY B 212 -11.96 -22.47 0.06
N ASN B 213 -11.86 -21.16 0.12
CA ASN B 213 -11.27 -20.49 1.31
C ASN B 213 -12.29 -20.42 2.44
N ASP B 214 -13.47 -21.02 2.31
CA ASP B 214 -14.45 -21.17 3.42
C ASP B 214 -14.55 -22.60 3.94
N TYR B 215 -13.77 -23.53 3.39
CA TYR B 215 -13.92 -24.97 3.74
C TYR B 215 -13.61 -25.20 5.21
N GLU B 216 -12.50 -24.66 5.71
CA GLU B 216 -12.04 -24.98 7.09
C GLU B 216 -13.08 -24.41 8.07
N ILE B 217 -13.52 -23.18 7.89
CA ILE B 217 -14.49 -22.60 8.85
C ILE B 217 -15.82 -23.36 8.71
N TYR B 218 -16.25 -23.69 7.50
CA TYR B 218 -17.52 -24.43 7.29
C TYR B 218 -17.53 -25.77 8.02
N THR B 219 -16.39 -26.47 8.06
CA THR B 219 -16.29 -27.86 8.56
C THR B 219 -15.77 -27.86 10.00
N ASP B 220 -15.57 -26.69 10.61
CA ASP B 220 -15.08 -26.63 12.00
C ASP B 220 -16.20 -27.15 12.92
N LYS B 221 -15.83 -28.02 13.85
CA LYS B 221 -16.81 -28.67 14.77
C LYS B 221 -17.55 -27.60 15.62
N ARG B 222 -17.01 -26.39 15.76
CA ARG B 222 -17.60 -25.32 16.62
C ARG B 222 -18.68 -24.53 15.89
N ILE B 223 -18.89 -24.73 14.59
CA ILE B 223 -19.88 -23.87 13.88
C ILE B 223 -20.93 -24.74 13.18
N ILE B 224 -22.04 -24.07 12.88
CA ILE B 224 -23.17 -24.55 12.05
C ILE B 224 -23.03 -23.92 10.67
N GLY B 225 -22.64 -24.72 9.67
CA GLY B 225 -22.28 -24.15 8.36
C GLY B 225 -23.48 -24.05 7.46
N HIS B 226 -23.54 -23.00 6.66
CA HIS B 226 -24.56 -22.84 5.61
C HIS B 226 -23.86 -22.53 4.29
N ALA B 227 -23.86 -23.48 3.38
CA ALA B 227 -23.35 -23.28 2.02
C ALA B 227 -24.40 -22.47 1.26
N VAL B 228 -24.02 -21.32 0.72
CA VAL B 228 -24.92 -20.45 -0.11
C VAL B 228 -24.32 -20.37 -1.49
N LYS B 229 -25.17 -20.31 -2.52
CA LYS B 229 -24.71 -20.14 -3.92
C LYS B 229 -24.66 -18.65 -4.24
N SER B 230 -25.44 -17.83 -3.53
CA SER B 230 -25.51 -16.37 -3.79
C SER B 230 -26.05 -15.64 -2.57
N TYR B 231 -26.03 -14.31 -2.62
CA TYR B 231 -26.56 -13.47 -1.52
C TYR B 231 -28.06 -13.71 -1.34
N LYS B 232 -28.75 -14.09 -2.41
CA LYS B 232 -30.19 -14.46 -2.31
C LYS B 232 -30.35 -15.64 -1.37
N ASP B 233 -29.43 -16.63 -1.42
CA ASP B 233 -29.51 -17.81 -0.51
C ASP B 233 -29.19 -17.37 0.92
N THR B 234 -28.25 -16.44 1.09
CA THR B 234 -27.87 -15.92 2.42
C THR B 234 -29.12 -15.28 3.07
N VAL B 235 -29.82 -14.44 2.34
CA VAL B 235 -31.06 -13.74 2.83
C VAL B 235 -32.10 -14.80 3.27
N ASP B 236 -32.37 -15.79 2.42
CA ASP B 236 -33.29 -16.93 2.73
C ASP B 236 -32.85 -17.66 3.99
N GLU B 237 -31.56 -17.95 4.15
CA GLU B 237 -31.05 -18.70 5.31
C GLU B 237 -31.15 -17.85 6.57
N VAL B 238 -30.78 -16.56 6.51
CA VAL B 238 -30.83 -15.69 7.72
C VAL B 238 -32.31 -15.54 8.12
N ASN B 239 -33.20 -15.33 7.15
CA ASN B 239 -34.68 -15.22 7.36
C ASN B 239 -35.20 -16.45 8.11
N LYS B 240 -34.74 -17.66 7.75
CA LYS B 240 -35.13 -18.91 8.46
C LYS B 240 -34.71 -18.83 9.93
N LEU B 241 -33.48 -18.39 10.20
CA LEU B 241 -32.98 -18.32 11.60
C LEU B 241 -33.75 -17.26 12.38
N ILE B 242 -34.10 -16.14 11.75
CA ILE B 242 -34.84 -15.03 12.42
C ILE B 242 -36.18 -15.60 12.90
N SER B 243 -36.88 -16.34 12.05
CA SER B 243 -38.08 -17.15 12.40
C SER B 243 -37.75 -18.12 13.55
N SER B 244 -38.36 -17.91 14.72
CA SER B 244 -37.97 -18.53 16.01
C SER B 244 -38.48 -17.68 17.19
MG MG C . 14.68 16.28 2.32
P PO4 D . 11.18 5.90 2.15
O1 PO4 D . 9.95 5.22 2.63
O2 PO4 D . 10.71 6.96 1.14
O3 PO4 D . 12.23 4.99 1.49
O4 PO4 D . 11.87 6.61 3.34
MG MG E . -16.47 -15.64 -1.16
P PO4 F . -7.31 -9.42 -5.03
O1 PO4 F . -6.97 -7.94 -5.11
O2 PO4 F . -8.68 -9.65 -5.69
O3 PO4 F . -6.33 -10.35 -5.74
O4 PO4 F . -7.34 -9.82 -3.57
#